data_3B1O
#
_entry.id   3B1O
#
_cell.length_a   85.359
_cell.length_b   85.359
_cell.length_c   160.822
_cell.angle_alpha   90.00
_cell.angle_beta   90.00
_cell.angle_gamma   90.00
#
_symmetry.space_group_name_H-M   'P 41 21 2'
#
loop_
_entity.id
_entity.type
_entity.pdbx_description
1 polymer 'Ribokinase, putative'
2 water water
#
_entity_poly.entity_id   1
_entity_poly.type   'polypeptide(L)'
_entity_poly.pdbx_seq_one_letter_code
;MATLICGSIAYDNIMTFEGRFREHILPDQVHLINLSFLVPTMRREFGGCAGNIAYALNLLGGDARMMGTLGAVDAQPYLD
RMDALGLSREYVRVLPDTYSAQAMITTDLDNNQITAFHPGAMMQSHVNHAGEAKDIKLAIVGPDGFQGMVQHTEELAQAG
VPFIFDPGQGLPLFDGATLRRSIELATYIAVNDYEAKLVCDKTGWSEDEIASRVQALIITRGEHGATIRHRDGTEQIPAV
RAERVIDPTGCGDAFRGGLLYGIEHGFDWATAGRLASLMGALKIAHQGPQTYAPTRAEIDARFETAFGYRPKGSKLRSLE
HHHHHH
;
_entity_poly.pdbx_strand_id   A,B
#
# COMPACT_ATOMS: atom_id res chain seq x y z
N ALA A 2 12.60 -31.95 11.47
CA ALA A 2 12.32 -30.62 10.88
C ALA A 2 11.44 -29.77 11.80
N THR A 3 11.34 -28.49 11.47
CA THR A 3 10.65 -27.53 12.32
C THR A 3 9.54 -26.89 11.47
N LEU A 4 8.30 -26.97 11.95
CA LEU A 4 7.15 -26.45 11.20
C LEU A 4 6.93 -24.99 11.54
N ILE A 5 6.94 -24.15 10.51
CA ILE A 5 6.78 -22.70 10.70
C ILE A 5 5.41 -22.25 10.17
N CYS A 6 4.44 -22.22 11.07
CA CYS A 6 3.08 -21.77 10.80
C CYS A 6 3.00 -20.28 10.99
N GLY A 7 2.49 -19.58 9.97
CA GLY A 7 2.32 -18.11 10.02
C GLY A 7 2.04 -17.51 8.66
N SER A 8 1.89 -16.19 8.61
CA SER A 8 1.57 -15.51 7.37
C SER A 8 2.72 -15.62 6.38
N ILE A 9 2.37 -15.69 5.10
CA ILE A 9 3.30 -15.52 4.01
C ILE A 9 2.79 -14.29 3.24
N ALA A 10 3.65 -13.28 3.07
CA ALA A 10 3.22 -11.98 2.58
C ALA A 10 4.24 -11.27 1.71
N TYR A 11 3.74 -10.39 0.85
CA TYR A 11 4.59 -9.42 0.17
C TYR A 11 4.53 -8.13 0.98
N ASP A 12 5.69 -7.63 1.37
CA ASP A 12 5.76 -6.38 2.10
C ASP A 12 5.91 -5.25 1.09
N ASN A 13 5.11 -4.21 1.28
CA ASN A 13 5.20 -2.99 0.51
C ASN A 13 5.63 -1.90 1.47
N ILE A 14 6.92 -1.61 1.45
CA ILE A 14 7.55 -0.77 2.47
C ILE A 14 7.72 0.65 1.95
N MET A 15 7.15 1.59 2.70
CA MET A 15 7.16 3.00 2.36
C MET A 15 7.87 3.76 3.45
N THR A 16 8.50 4.87 3.07
CA THR A 16 9.16 5.71 4.04
C THR A 16 8.37 7.00 4.19
N PHE A 17 8.13 7.36 5.44
CA PHE A 17 7.65 8.69 5.78
C PHE A 17 8.81 9.56 6.27
N GLU A 18 9.10 10.61 5.51
CA GLU A 18 10.13 11.57 5.89
C GLU A 18 9.57 12.50 6.97
N GLY A 19 9.33 11.93 8.14
CA GLY A 19 8.75 12.67 9.23
C GLY A 19 8.60 11.74 10.40
N ARG A 20 7.85 12.17 11.41
CA ARG A 20 7.69 11.41 12.63
C ARG A 20 6.24 11.35 13.04
N PHE A 21 5.70 10.14 13.02
CA PHE A 21 4.31 9.91 13.44
C PHE A 21 4.05 10.56 14.81
N ARG A 22 5.06 10.52 15.67
CA ARG A 22 4.93 11.03 17.05
C ARG A 22 4.64 12.53 17.07
N GLU A 23 4.90 13.22 15.97
CA GLU A 23 4.66 14.64 15.89
C GLU A 23 3.21 14.95 15.50
N HIS A 24 2.51 13.98 14.92
CA HIS A 24 1.16 14.20 14.43
C HIS A 24 0.09 13.36 15.13
N ILE A 25 0.51 12.25 15.75
CA ILE A 25 -0.39 11.36 16.48
C ILE A 25 -0.09 11.37 17.99
N LEU A 26 -0.77 12.25 18.73
CA LEU A 26 -0.59 12.32 20.17
C LEU A 26 -1.90 12.01 20.89
N PRO A 27 -1.84 11.21 21.98
CA PRO A 27 -3.08 10.76 22.60
C PRO A 27 -3.76 11.87 23.40
N ASP A 28 -2.98 12.82 23.92
CA ASP A 28 -3.58 13.94 24.65
C ASP A 28 -4.23 14.98 23.73
N GLN A 29 -3.99 14.89 22.42
CA GLN A 29 -4.63 15.83 21.49
C GLN A 29 -6.04 15.41 21.08
N VAL A 30 -6.88 16.37 20.70
CA VAL A 30 -8.32 16.12 20.46
C VAL A 30 -8.80 16.33 19.01
N HIS A 31 -8.03 17.09 18.23
CA HIS A 31 -8.40 17.40 16.86
C HIS A 31 -8.40 16.17 15.95
N LEU A 32 -9.16 16.22 14.84
CA LEU A 32 -9.16 15.16 13.84
C LEU A 32 -7.84 15.14 13.07
N ILE A 33 -7.14 14.01 13.16
CA ILE A 33 -5.86 13.89 12.47
C ILE A 33 -6.06 13.84 10.96
N ASN A 34 -5.22 14.61 10.28
CA ASN A 34 -5.20 14.67 8.83
C ASN A 34 -3.74 14.68 8.39
N LEU A 35 -3.02 13.59 8.66
CA LEU A 35 -1.63 13.46 8.28
C LEU A 35 -1.57 13.14 6.79
N SER A 36 -0.99 14.04 6.02
CA SER A 36 -0.88 13.83 4.58
C SER A 36 0.59 13.95 4.17
N PHE A 37 1.12 12.92 3.52
CA PHE A 37 2.53 12.94 3.11
C PHE A 37 2.85 12.20 1.80
N LEU A 38 4.00 12.52 1.22
CA LEU A 38 4.43 11.89 -0.02
C LEU A 38 5.30 10.69 0.29
N VAL A 39 5.07 9.61 -0.43
CA VAL A 39 5.95 8.48 -0.34
C VAL A 39 6.68 8.31 -1.67
N PRO A 40 7.89 8.89 -1.77
CA PRO A 40 8.62 8.86 -3.04
C PRO A 40 9.07 7.45 -3.41
N THR A 41 9.27 6.60 -2.41
CA THR A 41 9.76 5.25 -2.66
C THR A 41 8.88 4.19 -2.00
N MET A 42 8.57 3.15 -2.77
CA MET A 42 7.92 1.95 -2.27
C MET A 42 8.82 0.76 -2.62
N ARG A 43 9.17 -0.05 -1.62
CA ARG A 43 10.02 -1.24 -1.83
C ARG A 43 9.21 -2.52 -1.62
N ARG A 44 9.21 -3.36 -2.64
CA ARG A 44 8.53 -4.63 -2.60
C ARG A 44 9.48 -5.71 -2.07
N GLU A 45 9.07 -6.39 -1.02
CA GLU A 45 9.92 -7.39 -0.38
C GLU A 45 9.16 -8.65 0.02
N PHE A 46 9.83 -9.79 -0.05
CA PHE A 46 9.32 -11.04 0.52
C PHE A 46 9.20 -10.94 2.03
N GLY A 47 8.01 -11.19 2.56
CA GLY A 47 7.78 -11.06 3.99
C GLY A 47 6.83 -12.11 4.54
N GLY A 48 6.10 -11.71 5.59
CA GLY A 48 5.20 -12.64 6.26
C GLY A 48 6.00 -13.37 7.32
N CYS A 49 5.36 -13.60 8.45
CA CYS A 49 6.04 -14.17 9.62
C CYS A 49 6.58 -15.58 9.37
N ALA A 50 5.83 -16.44 8.68
CA ALA A 50 6.35 -17.78 8.38
C ALA A 50 7.55 -17.71 7.42
N GLY A 51 7.43 -16.89 6.38
CA GLY A 51 8.54 -16.65 5.46
C GLY A 51 9.79 -16.14 6.16
N ASN A 52 9.63 -15.16 7.04
CA ASN A 52 10.75 -14.51 7.72
C ASN A 52 11.44 -15.45 8.70
N ILE A 53 10.64 -16.15 9.52
CA ILE A 53 11.17 -17.10 10.49
C ILE A 53 11.86 -18.27 9.78
N ALA A 54 11.19 -18.85 8.78
CA ALA A 54 11.81 -19.92 7.95
C ALA A 54 13.14 -19.50 7.35
N TYR A 55 13.18 -18.30 6.77
CA TYR A 55 14.39 -17.78 6.16
C TYR A 55 15.52 -17.72 7.18
N ALA A 56 15.20 -17.27 8.40
CA ALA A 56 16.20 -17.14 9.47
C ALA A 56 16.72 -18.52 9.91
N LEU A 57 15.79 -19.47 10.08
CA LEU A 57 16.17 -20.82 10.53
C LEU A 57 17.03 -21.46 9.45
N ASN A 58 16.61 -21.26 8.18
CA ASN A 58 17.34 -21.74 7.00
C ASN A 58 18.77 -21.21 6.96
N LEU A 59 18.97 -19.94 7.33
CA LEU A 59 20.30 -19.31 7.32
C LEU A 59 21.28 -20.01 8.28
N LEU A 60 20.72 -20.58 9.34
CA LEU A 60 21.48 -21.21 10.41
C LEU A 60 21.74 -22.67 10.09
N GLY A 61 21.13 -23.18 9.04
CA GLY A 61 21.32 -24.58 8.65
C GLY A 61 20.25 -25.51 9.20
N GLY A 62 19.17 -24.92 9.71
CA GLY A 62 18.00 -25.68 10.19
C GLY A 62 17.12 -26.14 9.05
N ASP A 63 16.10 -26.94 9.36
CA ASP A 63 15.22 -27.47 8.32
C ASP A 63 13.80 -26.94 8.53
N ALA A 64 13.48 -25.88 7.80
CA ALA A 64 12.25 -25.13 8.03
C ALA A 64 11.19 -25.49 7.00
N ARG A 65 10.03 -25.87 7.52
CA ARG A 65 8.88 -26.25 6.69
C ARG A 65 7.79 -25.19 6.94
N MET A 66 7.67 -24.24 6.02
CA MET A 66 6.64 -23.22 6.11
C MET A 66 5.28 -23.84 5.88
N MET A 67 4.32 -23.46 6.73
CA MET A 67 2.94 -23.84 6.53
C MET A 67 2.15 -22.55 6.56
N GLY A 68 1.54 -22.24 5.43
CA GLY A 68 0.88 -20.99 5.20
C GLY A 68 0.19 -21.01 3.85
N THR A 69 -0.60 -19.99 3.58
CA THR A 69 -1.30 -19.93 2.30
C THR A 69 -0.94 -18.71 1.50
N LEU A 70 -0.82 -18.90 0.20
CA LEU A 70 -0.62 -17.79 -0.74
C LEU A 70 -1.81 -17.73 -1.71
N GLY A 71 -1.91 -16.62 -2.45
CA GLY A 71 -2.94 -16.46 -3.47
C GLY A 71 -2.41 -16.69 -4.88
N ALA A 72 -3.23 -17.36 -5.71
CA ALA A 72 -2.83 -17.74 -7.06
C ALA A 72 -2.47 -16.60 -7.98
N VAL A 73 -3.08 -15.43 -7.77
CA VAL A 73 -2.89 -14.30 -8.68
C VAL A 73 -1.43 -13.84 -8.64
N ASP A 74 -0.76 -14.00 -7.51
CA ASP A 74 0.57 -13.42 -7.33
C ASP A 74 1.56 -14.27 -6.54
N ALA A 75 1.26 -15.56 -6.39
CA ALA A 75 2.10 -16.45 -5.56
C ALA A 75 3.46 -16.75 -6.20
N GLN A 76 3.52 -16.68 -7.52
CA GLN A 76 4.67 -17.24 -8.27
C GLN A 76 6.07 -16.82 -7.81
N PRO A 77 6.35 -15.50 -7.67
CA PRO A 77 7.72 -15.14 -7.27
C PRO A 77 8.09 -15.66 -5.90
N TYR A 78 7.12 -15.76 -4.98
CA TYR A 78 7.46 -16.32 -3.67
C TYR A 78 7.78 -17.81 -3.79
N LEU A 79 7.02 -18.53 -4.60
CA LEU A 79 7.31 -19.95 -4.83
C LEU A 79 8.68 -20.16 -5.47
N ASP A 80 9.00 -19.36 -6.49
CA ASP A 80 10.33 -19.41 -7.13
C ASP A 80 11.42 -19.15 -6.12
N ARG A 81 11.15 -18.25 -5.17
CA ARG A 81 12.12 -17.92 -4.15
C ARG A 81 12.31 -19.08 -3.16
N MET A 82 11.23 -19.68 -2.67
CA MET A 82 11.41 -20.84 -1.81
C MET A 82 12.27 -21.93 -2.50
N ASP A 83 11.98 -22.22 -3.76
CA ASP A 83 12.79 -23.20 -4.52
C ASP A 83 14.28 -22.82 -4.55
N ALA A 84 14.56 -21.56 -4.82
CA ALA A 84 15.93 -21.07 -4.88
C ALA A 84 16.63 -21.14 -3.51
N LEU A 85 15.85 -21.00 -2.43
CA LEU A 85 16.40 -21.06 -1.08
C LEU A 85 16.52 -22.47 -0.54
N GLY A 86 15.97 -23.45 -1.27
CA GLY A 86 15.92 -24.84 -0.80
C GLY A 86 14.90 -25.03 0.32
N LEU A 87 13.91 -24.14 0.34
CA LEU A 87 12.80 -24.22 1.31
C LEU A 87 11.65 -25.08 0.74
N SER A 88 11.36 -26.20 1.38
CA SER A 88 10.26 -27.07 0.95
C SER A 88 8.90 -26.36 0.98
N ARG A 89 8.09 -26.65 -0.03
CA ARG A 89 6.78 -26.06 -0.20
C ARG A 89 5.65 -27.04 0.07
N GLU A 90 5.99 -28.22 0.56
CA GLU A 90 4.98 -29.25 0.88
C GLU A 90 3.77 -28.63 1.59
N TYR A 91 4.00 -27.72 2.54
CA TYR A 91 2.89 -27.16 3.32
C TYR A 91 2.56 -25.71 2.99
N VAL A 92 2.98 -25.25 1.81
CA VAL A 92 2.54 -23.96 1.30
C VAL A 92 1.42 -24.24 0.30
N ARG A 93 0.24 -23.71 0.57
CA ARG A 93 -0.88 -23.95 -0.34
C ARG A 93 -1.30 -22.65 -1.01
N VAL A 94 -1.60 -22.74 -2.30
CA VAL A 94 -1.89 -21.58 -3.14
C VAL A 94 -3.37 -21.64 -3.49
N LEU A 95 -4.08 -20.54 -3.24
CA LEU A 95 -5.54 -20.50 -3.38
C LEU A 95 -6.00 -19.75 -4.61
N PRO A 96 -6.91 -20.35 -5.40
CA PRO A 96 -7.35 -19.73 -6.64
C PRO A 96 -8.09 -18.42 -6.41
N ASP A 97 -8.02 -17.53 -7.40
CA ASP A 97 -8.79 -16.28 -7.46
C ASP A 97 -8.59 -15.39 -6.25
N THR A 98 -7.43 -15.49 -5.61
CA THR A 98 -7.13 -14.70 -4.43
C THR A 98 -5.75 -14.09 -4.56
N TYR A 99 -5.59 -12.91 -3.95
CA TYR A 99 -4.28 -12.31 -3.75
C TYR A 99 -3.61 -12.82 -2.50
N SER A 100 -2.29 -12.99 -2.57
CA SER A 100 -1.47 -13.22 -1.41
C SER A 100 -1.61 -12.05 -0.45
N ALA A 101 -1.32 -12.28 0.81
CA ALA A 101 -1.34 -11.24 1.82
C ALA A 101 -0.41 -10.10 1.38
N GLN A 102 -0.83 -8.88 1.67
CA GLN A 102 -0.06 -7.67 1.35
C GLN A 102 0.02 -6.80 2.60
N ALA A 103 1.24 -6.53 3.04
CA ALA A 103 1.51 -5.56 4.11
C ALA A 103 1.85 -4.19 3.52
N MET A 104 1.04 -3.17 3.84
CA MET A 104 1.36 -1.76 3.49
C MET A 104 2.06 -1.09 4.66
N ILE A 105 3.39 -1.15 4.67
CA ILE A 105 4.20 -0.76 5.81
C ILE A 105 4.78 0.63 5.62
N THR A 106 4.47 1.54 6.54
CA THR A 106 5.08 2.87 6.50
C THR A 106 6.01 3.03 7.69
N THR A 107 7.23 3.46 7.40
CA THR A 107 8.27 3.58 8.39
C THR A 107 8.65 5.06 8.46
N ASP A 108 8.78 5.58 9.67
CA ASP A 108 9.17 6.98 9.85
C ASP A 108 10.62 7.06 10.34
N LEU A 109 11.14 8.30 10.46
CA LEU A 109 12.54 8.53 10.85
C LEU A 109 12.90 8.06 12.26
N ASP A 110 11.90 7.63 13.05
CA ASP A 110 12.13 7.07 14.37
C ASP A 110 12.17 5.54 14.30
N ASN A 111 12.06 5.00 13.09
CA ASN A 111 11.84 3.57 12.88
C ASN A 111 10.53 3.08 13.48
N ASN A 112 9.60 4.02 13.66
CA ASN A 112 8.24 3.69 14.06
C ASN A 112 7.47 3.25 12.82
N GLN A 113 6.51 2.35 12.99
CA GLN A 113 5.79 1.78 11.84
C GLN A 113 4.27 1.71 12.01
N ILE A 114 3.57 1.92 10.90
CA ILE A 114 2.15 1.65 10.81
C ILE A 114 1.91 0.75 9.60
N THR A 115 1.32 -0.41 9.86
CA THR A 115 1.03 -1.41 8.83
C THR A 115 -0.48 -1.63 8.61
N ALA A 116 -0.93 -1.43 7.37
CA ALA A 116 -2.23 -1.96 6.96
C ALA A 116 -2.01 -3.31 6.28
N PHE A 117 -2.57 -4.35 6.90
CA PHE A 117 -2.37 -5.73 6.45
C PHE A 117 -3.60 -6.28 5.70
N HIS A 118 -3.45 -6.42 4.39
CA HIS A 118 -4.50 -6.93 3.50
C HIS A 118 -4.32 -8.45 3.42
N PRO A 119 -5.08 -9.21 4.22
CA PRO A 119 -4.76 -10.62 4.44
C PRO A 119 -4.93 -11.55 3.23
N GLY A 120 -5.91 -11.28 2.37
CA GLY A 120 -6.20 -12.11 1.21
C GLY A 120 -6.21 -13.59 1.53
N ALA A 121 -5.35 -14.35 0.85
CA ALA A 121 -5.29 -15.80 0.98
C ALA A 121 -4.97 -16.30 2.39
N MET A 122 -4.38 -15.43 3.22
CA MET A 122 -4.13 -15.74 4.62
C MET A 122 -5.41 -16.08 5.42
N MET A 123 -6.52 -15.48 5.04
CA MET A 123 -7.80 -15.73 5.71
C MET A 123 -8.29 -17.18 5.54
N GLN A 124 -7.64 -17.90 4.63
CA GLN A 124 -7.94 -19.29 4.38
C GLN A 124 -6.86 -20.25 4.91
N SER A 125 -6.02 -19.77 5.84
CA SER A 125 -4.84 -20.53 6.26
C SER A 125 -5.19 -21.83 6.99
N HIS A 126 -6.43 -21.94 7.46
CA HIS A 126 -6.87 -23.15 8.09
C HIS A 126 -7.20 -24.29 7.09
N VAL A 127 -6.99 -24.08 5.79
CA VAL A 127 -7.01 -25.22 4.81
C VAL A 127 -5.80 -26.16 5.04
N ASN A 128 -4.78 -25.65 5.72
CA ASN A 128 -3.66 -26.48 6.16
C ASN A 128 -3.91 -27.13 7.51
N HIS A 129 -3.56 -28.41 7.59
CA HIS A 129 -3.69 -29.14 8.84
C HIS A 129 -2.30 -29.44 9.42
N ALA A 130 -1.95 -28.73 10.48
CA ALA A 130 -0.65 -28.90 11.15
C ALA A 130 -0.42 -30.29 11.75
N GLY A 131 -1.49 -31.00 12.09
CA GLY A 131 -1.38 -32.36 12.65
C GLY A 131 -1.02 -33.43 11.64
N GLU A 132 -1.14 -33.10 10.35
CA GLU A 132 -0.75 -33.98 9.24
C GLU A 132 0.68 -33.75 8.78
N ALA A 133 1.38 -32.76 9.33
CA ALA A 133 2.76 -32.49 8.90
C ALA A 133 3.67 -33.60 9.45
N LYS A 134 4.49 -34.20 8.59
CA LYS A 134 5.29 -35.34 9.00
C LYS A 134 6.68 -34.92 9.45
N ASP A 135 7.26 -35.74 10.32
CA ASP A 135 8.64 -35.58 10.80
C ASP A 135 8.88 -34.24 11.47
N ILE A 136 7.91 -33.79 12.25
CA ILE A 136 8.00 -32.51 12.90
C ILE A 136 8.35 -32.70 14.37
N LYS A 137 9.50 -32.18 14.76
CA LYS A 137 9.98 -32.27 16.14
C LYS A 137 9.68 -31.01 16.94
N LEU A 138 9.28 -29.93 16.27
CA LEU A 138 9.13 -28.63 16.93
C LEU A 138 8.44 -27.68 15.95
N ALA A 139 7.64 -26.75 16.49
CA ALA A 139 6.86 -25.84 15.67
C ALA A 139 6.73 -24.45 16.28
N ILE A 140 6.40 -23.47 15.43
CA ILE A 140 5.95 -22.16 15.94
C ILE A 140 4.59 -21.89 15.31
N VAL A 141 3.69 -21.28 16.09
CA VAL A 141 2.43 -20.78 15.57
C VAL A 141 2.52 -19.26 15.74
N GLY A 142 2.73 -18.58 14.62
CA GLY A 142 2.92 -17.13 14.60
C GLY A 142 1.73 -16.46 13.99
N PRO A 143 1.78 -15.12 13.83
CA PRO A 143 0.64 -14.34 13.35
C PRO A 143 0.15 -14.82 11.99
N ASP A 144 -1.17 -15.04 11.89
CA ASP A 144 -1.76 -15.70 10.73
C ASP A 144 -3.23 -15.32 10.72
N GLY A 145 -4.00 -15.89 9.80
CA GLY A 145 -5.45 -15.79 9.87
C GLY A 145 -5.83 -16.45 11.18
N PHE A 146 -6.79 -15.85 11.90
CA PHE A 146 -7.12 -16.29 13.26
C PHE A 146 -7.54 -17.77 13.36
N GLN A 147 -8.43 -18.19 12.47
CA GLN A 147 -8.92 -19.55 12.47
C GLN A 147 -7.78 -20.55 12.31
N GLY A 148 -6.87 -20.24 11.40
CA GLY A 148 -5.66 -21.03 11.22
C GLY A 148 -4.79 -21.07 12.48
N MET A 149 -4.63 -19.92 13.13
CA MET A 149 -3.84 -19.87 14.36
C MET A 149 -4.37 -20.85 15.42
N VAL A 150 -5.67 -20.74 15.69
CA VAL A 150 -6.32 -21.58 16.71
C VAL A 150 -6.23 -23.04 16.32
N GLN A 151 -6.49 -23.32 15.05
CA GLN A 151 -6.45 -24.69 14.56
C GLN A 151 -5.05 -25.32 14.64
N HIS A 152 -4.02 -24.57 14.25
CA HIS A 152 -2.66 -25.14 14.34
C HIS A 152 -2.33 -25.49 15.78
N THR A 153 -2.59 -24.54 16.67
CA THR A 153 -2.52 -24.72 18.11
C THR A 153 -3.12 -26.06 18.58
N GLU A 154 -4.39 -26.30 18.26
CA GLU A 154 -5.08 -27.49 18.74
C GLU A 154 -4.48 -28.77 18.13
N GLU A 155 -4.14 -28.69 16.85
CA GLU A 155 -3.63 -29.85 16.13
C GLU A 155 -2.23 -30.27 16.57
N LEU A 156 -1.33 -29.28 16.69
CA LEU A 156 0.01 -29.55 17.16
C LEU A 156 -0.01 -30.14 18.56
N ALA A 157 -0.87 -29.60 19.44
CA ALA A 157 -1.01 -30.16 20.79
C ALA A 157 -1.50 -31.62 20.76
N GLN A 158 -2.56 -31.86 19.99
CA GLN A 158 -3.10 -33.21 19.81
C GLN A 158 -2.01 -34.18 19.31
N ALA A 159 -1.19 -33.73 18.37
CA ALA A 159 -0.11 -34.54 17.80
C ALA A 159 1.16 -34.59 18.67
N GLY A 160 1.17 -33.84 19.77
CA GLY A 160 2.33 -33.85 20.69
C GLY A 160 3.58 -33.15 20.15
N VAL A 161 3.41 -32.26 19.18
CA VAL A 161 4.54 -31.47 18.73
C VAL A 161 4.71 -30.25 19.64
N PRO A 162 5.89 -30.09 20.29
CA PRO A 162 6.08 -28.89 21.09
C PRO A 162 6.09 -27.67 20.19
N PHE A 163 5.41 -26.61 20.61
CA PHE A 163 5.33 -25.40 19.82
C PHE A 163 5.47 -24.13 20.63
N ILE A 164 6.04 -23.12 19.98
CA ILE A 164 6.07 -21.75 20.46
C ILE A 164 4.79 -21.08 19.99
N PHE A 165 4.04 -20.51 20.94
CA PHE A 165 2.88 -19.69 20.61
C PHE A 165 3.32 -18.22 20.53
N ASP A 166 3.16 -17.65 19.34
CA ASP A 166 3.68 -16.32 18.97
C ASP A 166 2.49 -15.52 18.43
N PRO A 167 1.61 -15.01 19.32
CA PRO A 167 0.42 -14.34 18.78
C PRO A 167 0.75 -13.04 18.01
N GLY A 168 1.79 -12.34 18.42
CA GLY A 168 2.25 -11.12 17.73
C GLY A 168 1.11 -10.18 17.38
N GLN A 169 1.15 -9.64 16.17
CA GLN A 169 0.13 -8.70 15.70
C GLN A 169 -1.27 -9.32 15.64
N GLY A 170 -1.36 -10.64 15.84
CA GLY A 170 -2.65 -11.34 15.82
C GLY A 170 -3.38 -11.26 17.16
N LEU A 171 -2.70 -10.70 18.16
CA LEU A 171 -3.20 -10.76 19.53
C LEU A 171 -4.57 -10.13 19.79
N PRO A 172 -4.91 -9.02 19.10
CA PRO A 172 -6.23 -8.41 19.33
C PRO A 172 -7.40 -9.28 18.88
N LEU A 173 -7.12 -10.33 18.13
CA LEU A 173 -8.18 -11.21 17.62
C LEU A 173 -8.59 -12.24 18.66
N PHE A 174 -7.82 -12.36 19.72
CA PHE A 174 -8.07 -13.37 20.76
C PHE A 174 -8.93 -12.76 21.86
N ASP A 175 -9.88 -13.54 22.38
CA ASP A 175 -10.54 -13.17 23.62
C ASP A 175 -9.80 -13.89 24.75
N GLY A 176 -10.23 -13.66 25.99
CA GLY A 176 -9.58 -14.23 27.17
C GLY A 176 -9.48 -15.75 27.13
N ALA A 177 -10.61 -16.40 26.91
CA ALA A 177 -10.67 -17.85 26.94
C ALA A 177 -9.78 -18.50 25.88
N THR A 178 -9.84 -18.02 24.64
CA THR A 178 -8.99 -18.57 23.56
C THR A 178 -7.49 -18.29 23.78
N LEU A 179 -7.19 -17.15 24.41
CA LEU A 179 -5.80 -16.81 24.69
C LEU A 179 -5.26 -17.75 25.75
N ARG A 180 -6.02 -17.90 26.83
CA ARG A 180 -5.69 -18.80 27.92
C ARG A 180 -5.47 -20.23 27.42
N ARG A 181 -6.39 -20.70 26.58
CA ARG A 181 -6.35 -22.05 26.03
C ARG A 181 -5.10 -22.28 25.16
N SER A 182 -4.80 -21.29 24.30
CA SER A 182 -3.61 -21.34 23.46
C SER A 182 -2.32 -21.46 24.29
N ILE A 183 -2.27 -20.68 25.38
CA ILE A 183 -1.13 -20.71 26.31
C ILE A 183 -0.98 -22.08 27.02
N GLU A 184 -2.11 -22.62 27.47
CA GLU A 184 -2.16 -23.95 28.10
C GLU A 184 -1.65 -25.04 27.15
N LEU A 185 -1.98 -24.89 25.86
CA LEU A 185 -1.61 -25.88 24.87
C LEU A 185 -0.15 -25.71 24.49
N ALA A 186 0.31 -24.47 24.57
CA ALA A 186 1.66 -24.09 24.15
C ALA A 186 2.77 -24.63 25.04
N THR A 187 3.90 -24.88 24.43
CA THR A 187 5.10 -25.27 25.16
C THR A 187 5.95 -24.04 25.50
N TYR A 188 6.00 -23.08 24.58
CA TYR A 188 6.76 -21.83 24.79
C TYR A 188 5.92 -20.65 24.33
N ILE A 189 6.13 -19.48 24.92
CA ILE A 189 5.49 -18.26 24.39
C ILE A 189 6.55 -17.25 24.10
N ALA A 190 6.51 -16.66 22.91
CA ALA A 190 7.34 -15.51 22.57
C ALA A 190 6.46 -14.29 22.29
N VAL A 191 6.79 -13.17 22.94
CA VAL A 191 6.10 -11.88 22.70
C VAL A 191 7.09 -10.76 22.95
N ASN A 192 6.80 -9.57 22.43
CA ASN A 192 7.57 -8.41 22.88
C ASN A 192 7.01 -7.87 24.19
N ASP A 193 7.67 -6.86 24.77
CA ASP A 193 7.30 -6.34 26.09
C ASP A 193 5.88 -5.78 26.20
N TYR A 194 5.42 -5.07 25.18
CA TYR A 194 4.07 -4.50 25.28
C TYR A 194 3.00 -5.58 25.02
N GLU A 195 3.31 -6.52 24.13
CA GLU A 195 2.45 -7.69 23.90
C GLU A 195 2.29 -8.55 25.16
N ALA A 196 3.36 -8.68 25.95
CA ALA A 196 3.28 -9.36 27.26
C ALA A 196 2.24 -8.74 28.21
N LYS A 197 2.20 -7.41 28.27
CA LYS A 197 1.26 -6.70 29.11
C LYS A 197 -0.17 -7.01 28.66
N LEU A 198 -0.41 -6.88 27.36
CA LEU A 198 -1.66 -7.26 26.72
C LEU A 198 -2.11 -8.68 27.05
N VAL A 199 -1.18 -9.63 27.04
CA VAL A 199 -1.48 -11.03 27.35
C VAL A 199 -1.92 -11.14 28.80
N CYS A 200 -1.21 -10.47 29.70
CA CYS A 200 -1.59 -10.40 31.12
C CYS A 200 -2.98 -9.81 31.35
N ASP A 201 -3.23 -8.64 30.76
CA ASP A 201 -4.54 -7.95 30.84
C ASP A 201 -5.69 -8.80 30.26
N LYS A 202 -5.43 -9.46 29.15
CA LYS A 202 -6.45 -10.26 28.47
C LYS A 202 -6.72 -11.62 29.11
N THR A 203 -5.68 -12.25 29.63
CA THR A 203 -5.83 -13.56 30.28
C THR A 203 -6.27 -13.39 31.72
N GLY A 204 -5.92 -12.24 32.31
CA GLY A 204 -6.16 -12.02 33.75
C GLY A 204 -5.08 -12.71 34.55
N TRP A 205 -4.10 -13.29 33.86
CA TRP A 205 -2.94 -13.89 34.50
C TRP A 205 -1.81 -12.88 34.65
N SER A 206 -1.01 -13.04 35.70
CA SER A 206 0.22 -12.30 35.81
C SER A 206 1.25 -13.00 34.96
N GLU A 207 2.32 -12.27 34.64
CA GLU A 207 3.48 -12.82 33.97
C GLU A 207 4.04 -14.05 34.71
N ASP A 208 4.06 -14.00 36.03
CA ASP A 208 4.40 -15.17 36.87
C ASP A 208 3.49 -16.37 36.54
N GLU A 209 2.18 -16.14 36.47
CA GLU A 209 1.23 -17.20 36.20
C GLU A 209 1.34 -17.74 34.78
N ILE A 210 1.54 -16.84 33.82
CA ILE A 210 1.82 -17.24 32.47
C ILE A 210 3.07 -18.11 32.42
N ALA A 211 4.17 -17.65 33.03
CA ALA A 211 5.44 -18.40 32.96
C ALA A 211 5.27 -19.81 33.51
N SER A 212 4.56 -19.93 34.63
CA SER A 212 4.33 -21.24 35.28
C SER A 212 3.53 -22.22 34.42
N ARG A 213 2.95 -21.74 33.32
CA ARG A 213 2.06 -22.58 32.51
C ARG A 213 2.70 -23.06 31.21
N VAL A 214 3.98 -22.76 31.05
CA VAL A 214 4.78 -23.15 29.87
C VAL A 214 6.20 -23.51 30.30
N GLN A 215 6.95 -24.16 29.42
CA GLN A 215 8.38 -24.37 29.65
C GLN A 215 9.18 -23.05 29.70
N ALA A 216 8.84 -22.11 28.81
CA ALA A 216 9.51 -20.80 28.80
C ALA A 216 8.61 -19.67 28.30
N LEU A 217 8.67 -18.54 28.99
CA LEU A 217 8.09 -17.29 28.50
C LEU A 217 9.22 -16.42 27.98
N ILE A 218 9.22 -16.17 26.69
CA ILE A 218 10.25 -15.32 26.10
C ILE A 218 9.69 -13.95 25.73
N ILE A 219 10.30 -12.89 26.27
CA ILE A 219 9.81 -11.53 26.07
C ILE A 219 10.93 -10.70 25.44
N THR A 220 10.70 -10.18 24.24
CA THR A 220 11.70 -9.36 23.56
C THR A 220 11.53 -7.89 23.91
N ARG A 221 12.66 -7.21 24.11
CA ARG A 221 12.68 -5.82 24.58
C ARG A 221 13.41 -4.89 23.62
N GLY A 222 13.08 -5.00 22.33
CA GLY A 222 13.71 -4.23 21.28
C GLY A 222 15.22 -4.15 21.45
N GLU A 223 15.71 -2.91 21.57
CA GLU A 223 17.14 -2.65 21.68
C GLU A 223 17.73 -2.97 23.05
N HIS A 224 16.89 -3.36 24.02
CA HIS A 224 17.38 -3.79 25.33
C HIS A 224 17.48 -5.32 25.49
N GLY A 225 17.36 -6.04 24.38
CA GLY A 225 17.60 -7.48 24.37
C GLY A 225 16.36 -8.29 24.64
N ALA A 226 16.46 -9.28 25.53
CA ALA A 226 15.31 -10.16 25.81
C ALA A 226 15.33 -10.76 27.21
N THR A 227 14.18 -11.28 27.63
CA THR A 227 14.04 -11.97 28.91
C THR A 227 13.45 -13.36 28.61
N ILE A 228 14.09 -14.39 29.15
CA ILE A 228 13.56 -15.77 29.07
C ILE A 228 13.27 -16.27 30.48
N ARG A 229 12.00 -16.43 30.79
CA ARG A 229 11.56 -16.97 32.05
C ARG A 229 11.28 -18.45 31.85
N HIS A 230 12.11 -19.29 32.45
CA HIS A 230 11.95 -20.75 32.38
C HIS A 230 11.81 -21.31 33.79
N ARG A 231 11.58 -22.62 33.91
CA ARG A 231 11.41 -23.29 35.22
C ARG A 231 12.50 -22.97 36.25
N ASP A 232 13.74 -22.87 35.80
CA ASP A 232 14.88 -22.82 36.73
C ASP A 232 15.53 -21.44 36.89
N GLY A 233 14.81 -20.40 36.50
CA GLY A 233 15.24 -19.04 36.77
C GLY A 233 14.82 -18.11 35.67
N THR A 234 15.52 -16.99 35.55
CA THR A 234 15.26 -16.00 34.50
C THR A 234 16.58 -15.56 33.85
N GLU A 235 16.69 -15.79 32.54
CA GLU A 235 17.85 -15.32 31.78
C GLU A 235 17.54 -13.95 31.18
N GLN A 236 18.44 -13.01 31.38
CA GLN A 236 18.37 -11.70 30.75
C GLN A 236 19.37 -11.65 29.59
N ILE A 237 18.84 -11.58 28.37
CA ILE A 237 19.64 -11.66 27.16
C ILE A 237 20.05 -10.23 26.73
N PRO A 238 21.38 -9.95 26.64
CA PRO A 238 21.83 -8.60 26.26
C PRO A 238 21.53 -8.35 24.80
N ALA A 239 21.26 -7.11 24.44
CA ALA A 239 21.16 -6.70 23.04
C ALA A 239 22.47 -6.95 22.30
N VAL A 240 22.40 -7.12 20.98
CA VAL A 240 23.58 -7.00 20.15
C VAL A 240 23.49 -5.65 19.47
N ARG A 241 24.52 -4.82 19.63
CA ARG A 241 24.56 -3.53 18.95
C ARG A 241 24.65 -3.81 17.46
N ALA A 242 23.75 -3.22 16.70
CA ALA A 242 23.75 -3.42 15.25
C ALA A 242 24.95 -2.74 14.61
N GLU A 243 25.49 -3.38 13.58
CA GLU A 243 26.56 -2.80 12.75
C GLU A 243 26.11 -1.44 12.23
N ARG A 244 24.82 -1.38 11.87
CA ARG A 244 24.09 -0.14 11.64
C ARG A 244 22.58 -0.45 11.64
N VAL A 245 21.77 0.58 11.81
CA VAL A 245 20.32 0.44 11.95
C VAL A 245 19.68 0.86 10.63
N ILE A 246 19.14 -0.09 9.89
CA ILE A 246 18.64 0.21 8.54
C ILE A 246 17.12 0.04 8.41
N ASP A 247 16.60 -1.11 8.86
CA ASP A 247 15.18 -1.43 8.68
C ASP A 247 14.79 -2.45 9.74
N PRO A 248 13.84 -2.07 10.64
CA PRO A 248 13.41 -2.94 11.73
C PRO A 248 12.45 -4.06 11.29
N THR A 249 11.84 -3.93 10.11
CA THR A 249 10.89 -4.93 9.59
C THR A 249 11.50 -6.33 9.63
N GLY A 250 10.90 -7.24 10.38
CA GLY A 250 11.36 -8.62 10.42
C GLY A 250 12.37 -8.97 11.51
N CYS A 251 12.74 -8.01 12.35
CA CYS A 251 13.70 -8.26 13.43
C CYS A 251 13.22 -9.33 14.40
N GLY A 252 11.98 -9.19 14.87
CA GLY A 252 11.31 -10.20 15.72
C GLY A 252 11.31 -11.60 15.11
N ASP A 253 11.05 -11.68 13.81
CA ASP A 253 11.03 -12.97 13.13
C ASP A 253 12.41 -13.61 13.06
N ALA A 254 13.41 -12.82 12.67
CA ALA A 254 14.81 -13.26 12.70
C ALA A 254 15.24 -13.82 14.08
N PHE A 255 14.87 -13.12 15.15
CA PHE A 255 14.98 -13.60 16.56
C PHE A 255 14.35 -14.99 16.76
N ARG A 256 13.07 -15.12 16.44
CA ARG A 256 12.38 -16.42 16.46
C ARG A 256 13.14 -17.51 15.69
N GLY A 257 13.67 -17.17 14.53
CA GLY A 257 14.50 -18.10 13.75
C GLY A 257 15.65 -18.64 14.61
N GLY A 258 16.41 -17.73 15.20
CA GLY A 258 17.46 -18.10 16.13
C GLY A 258 17.02 -18.91 17.32
N LEU A 259 15.89 -18.54 17.93
CA LEU A 259 15.41 -19.22 19.12
C LEU A 259 15.08 -20.68 18.78
N LEU A 260 14.36 -20.88 17.68
CA LEU A 260 14.00 -22.21 17.23
C LEU A 260 15.23 -23.10 16.95
N TYR A 261 16.24 -22.54 16.31
CA TYR A 261 17.50 -23.26 16.12
C TYR A 261 18.11 -23.71 17.45
N GLY A 262 18.12 -22.80 18.42
CA GLY A 262 18.70 -23.06 19.73
C GLY A 262 17.96 -24.17 20.44
N ILE A 263 16.64 -24.15 20.37
CA ILE A 263 15.81 -25.16 21.03
C ILE A 263 16.04 -26.54 20.43
N GLU A 264 16.11 -26.63 19.10
CA GLU A 264 16.28 -27.95 18.49
C GLU A 264 17.67 -28.56 18.71
N HIS A 265 18.72 -27.73 18.70
CA HIS A 265 20.09 -28.21 18.89
C HIS A 265 20.52 -28.29 20.35
N GLY A 266 19.57 -28.18 21.27
CA GLY A 266 19.79 -28.42 22.69
C GLY A 266 20.55 -27.35 23.43
N PHE A 267 20.56 -26.13 22.89
CA PHE A 267 21.17 -24.96 23.54
C PHE A 267 20.45 -24.67 24.85
N ASP A 268 21.20 -24.26 25.88
CA ASP A 268 20.53 -23.76 27.10
C ASP A 268 19.84 -22.43 26.76
N TRP A 269 18.96 -21.97 27.66
CA TRP A 269 18.17 -20.76 27.39
C TRP A 269 19.02 -19.48 27.16
N ALA A 270 20.11 -19.38 27.91
CA ALA A 270 21.02 -18.24 27.77
C ALA A 270 21.59 -18.16 26.36
N THR A 271 22.05 -19.30 25.85
CA THR A 271 22.70 -19.39 24.55
C THR A 271 21.68 -19.27 23.43
N ALA A 272 20.51 -19.87 23.61
CA ALA A 272 19.42 -19.79 22.65
C ALA A 272 18.93 -18.36 22.50
N GLY A 273 18.71 -17.68 23.63
CA GLY A 273 18.32 -16.27 23.62
C GLY A 273 19.36 -15.35 22.97
N ARG A 274 20.62 -15.53 23.34
CA ARG A 274 21.72 -14.81 22.71
C ARG A 274 21.72 -14.95 21.17
N LEU A 275 21.62 -16.18 20.67
CA LEU A 275 21.58 -16.42 19.23
C LEU A 275 20.39 -15.70 18.57
N ALA A 276 19.22 -15.84 19.18
CA ALA A 276 18.02 -15.10 18.79
C ALA A 276 18.30 -13.61 18.70
N SER A 277 18.92 -13.06 19.75
CA SER A 277 19.21 -11.63 19.84
C SER A 277 20.22 -11.17 18.76
N LEU A 278 21.20 -12.01 18.49
CA LEU A 278 22.15 -11.79 17.38
C LEU A 278 21.46 -11.74 16.02
N MET A 279 20.59 -12.71 15.74
CA MET A 279 19.88 -12.73 14.46
C MET A 279 19.11 -11.44 14.19
N GLY A 280 18.47 -10.92 15.24
CA GLY A 280 17.80 -9.63 15.20
C GLY A 280 18.71 -8.50 14.75
N ALA A 281 19.91 -8.46 15.30
CA ALA A 281 20.86 -7.40 14.98
C ALA A 281 21.46 -7.61 13.61
N LEU A 282 21.62 -8.87 13.20
CA LEU A 282 22.11 -9.16 11.84
C LEU A 282 21.08 -8.69 10.81
N LYS A 283 19.81 -8.92 11.12
CA LYS A 283 18.72 -8.51 10.22
C LYS A 283 18.63 -6.98 10.05
N ILE A 284 18.71 -6.23 11.15
CA ILE A 284 18.43 -4.80 11.11
C ILE A 284 19.42 -3.97 10.25
N ALA A 285 20.61 -4.53 10.00
CA ALA A 285 21.65 -3.84 9.24
C ALA A 285 21.40 -3.86 7.74
N HIS A 286 20.22 -4.36 7.35
CA HIS A 286 19.84 -4.50 5.94
C HIS A 286 18.36 -4.14 5.74
N GLN A 287 18.02 -3.73 4.51
CA GLN A 287 16.66 -3.35 4.11
C GLN A 287 15.85 -4.60 3.77
N GLY A 288 14.66 -4.72 4.35
CA GLY A 288 13.81 -5.87 4.07
C GLY A 288 13.99 -6.95 5.11
N PRO A 289 12.94 -7.75 5.35
CA PRO A 289 13.10 -8.74 6.42
C PRO A 289 13.98 -9.95 6.07
N GLN A 290 14.34 -10.12 4.80
CA GLN A 290 15.06 -11.32 4.38
C GLN A 290 16.25 -11.01 3.46
N THR A 291 16.85 -9.85 3.64
CA THR A 291 17.92 -9.43 2.75
C THR A 291 19.28 -9.89 3.25
N TYR A 292 19.44 -9.87 4.56
CA TYR A 292 20.66 -10.36 5.18
C TYR A 292 20.90 -11.82 4.83
N ALA A 293 22.17 -12.13 4.57
CA ALA A 293 22.57 -13.48 4.20
C ALA A 293 23.93 -13.84 4.82
N PRO A 294 24.06 -13.80 6.15
CA PRO A 294 25.31 -14.16 6.79
C PRO A 294 25.64 -15.65 6.59
N THR A 295 26.91 -15.95 6.48
CA THR A 295 27.36 -17.34 6.50
C THR A 295 27.26 -17.86 7.95
N ARG A 296 27.24 -19.19 8.13
CA ARG A 296 27.26 -19.77 9.49
C ARG A 296 28.53 -19.35 10.22
N ALA A 297 29.62 -19.19 9.47
CA ALA A 297 30.89 -18.77 10.04
C ALA A 297 30.80 -17.35 10.60
N GLU A 298 30.15 -16.46 9.86
CA GLU A 298 29.93 -15.07 10.26
C GLU A 298 29.03 -15.00 11.48
N ILE A 299 27.98 -15.81 11.46
CA ILE A 299 27.05 -15.87 12.60
C ILE A 299 27.83 -16.25 13.85
N ASP A 300 28.67 -17.28 13.73
CA ASP A 300 29.48 -17.79 14.83
C ASP A 300 30.49 -16.75 15.35
N ALA A 301 31.21 -16.10 14.43
CA ALA A 301 32.21 -15.12 14.82
C ALA A 301 31.56 -13.93 15.51
N ARG A 302 30.44 -13.48 14.96
CA ARG A 302 29.68 -12.39 15.55
C ARG A 302 29.14 -12.75 16.94
N PHE A 303 28.76 -14.01 17.13
CA PHE A 303 28.22 -14.46 18.44
C PHE A 303 29.29 -14.35 19.51
N GLU A 304 30.49 -14.83 19.20
CA GLU A 304 31.61 -14.81 20.13
C GLU A 304 32.03 -13.38 20.47
N THR A 305 32.11 -12.53 19.45
CA THR A 305 32.48 -11.12 19.63
C THR A 305 31.54 -10.40 20.60
N ALA A 306 30.24 -10.64 20.48
CA ALA A 306 29.22 -10.07 21.38
C ALA A 306 29.14 -10.70 22.79
N PHE A 307 29.30 -12.02 22.88
CA PHE A 307 28.93 -12.75 24.08
C PHE A 307 30.08 -13.46 24.81
N GLY A 308 31.23 -13.58 24.16
CA GLY A 308 32.44 -14.07 24.85
C GLY A 308 32.70 -15.56 24.72
N TYR A 309 31.84 -16.28 24.00
CA TYR A 309 32.05 -17.71 23.79
C TYR A 309 31.40 -18.14 22.48
N ARG A 310 31.77 -19.34 22.02
CA ARG A 310 31.13 -19.87 20.83
C ARG A 310 29.96 -20.79 21.20
N PRO A 311 28.81 -20.59 20.52
CA PRO A 311 27.55 -21.20 20.91
C PRO A 311 27.51 -22.69 20.59
N LYS A 312 27.23 -23.50 21.61
CA LYS A 312 27.35 -24.95 21.49
C LYS A 312 26.08 -25.65 21.94
N GLY A 313 25.84 -26.82 21.32
CA GLY A 313 24.69 -27.66 21.65
C GLY A 313 24.99 -28.58 22.80
N SER A 314 24.01 -28.77 23.68
CA SER A 314 24.20 -29.55 24.90
C SER A 314 23.36 -30.83 24.85
N ALA B 2 -10.34 9.52 -33.18
CA ALA B 2 -10.29 9.13 -31.74
C ALA B 2 -9.70 10.24 -30.87
N THR B 3 -9.98 10.17 -29.59
CA THR B 3 -9.49 11.14 -28.61
C THR B 3 -8.38 10.52 -27.75
N LEU B 4 -7.20 11.14 -27.76
CA LEU B 4 -6.05 10.68 -26.99
C LEU B 4 -5.97 11.35 -25.60
N ILE B 5 -6.39 10.63 -24.57
CA ILE B 5 -6.42 11.16 -23.20
C ILE B 5 -5.10 10.94 -22.46
N CYS B 6 -4.22 11.95 -22.54
CA CYS B 6 -2.94 11.91 -21.84
C CYS B 6 -3.09 12.44 -20.42
N GLY B 7 -3.03 11.54 -19.46
CA GLY B 7 -3.12 11.90 -18.06
C GLY B 7 -2.65 10.75 -17.19
N SER B 8 -2.67 10.98 -15.88
CA SER B 8 -2.21 9.98 -14.94
C SER B 8 -3.27 8.90 -14.76
N ILE B 9 -2.82 7.70 -14.39
CA ILE B 9 -3.70 6.58 -14.09
C ILE B 9 -3.38 6.15 -12.66
N ALA B 10 -4.38 6.24 -11.79
CA ALA B 10 -4.13 6.03 -10.36
C ALA B 10 -5.17 5.17 -9.68
N TYR B 11 -4.74 4.55 -8.57
CA TYR B 11 -5.63 3.86 -7.66
C TYR B 11 -5.75 4.67 -6.39
N ASP B 12 -6.94 4.65 -5.80
CA ASP B 12 -7.06 5.07 -4.42
C ASP B 12 -7.41 3.85 -3.57
N ASN B 13 -6.46 3.46 -2.72
CA ASN B 13 -6.66 2.37 -1.78
C ASN B 13 -7.29 2.91 -0.50
N ILE B 14 -8.58 2.63 -0.33
CA ILE B 14 -9.30 3.18 0.79
C ILE B 14 -9.42 2.13 1.89
N MET B 15 -8.75 2.41 2.99
CA MET B 15 -8.59 1.47 4.09
C MET B 15 -9.21 2.03 5.35
N THR B 16 -9.72 1.12 6.16
CA THR B 16 -10.41 1.49 7.38
C THR B 16 -9.75 0.76 8.51
N PHE B 17 -9.38 1.50 9.55
CA PHE B 17 -8.81 0.88 10.73
C PHE B 17 -9.91 0.82 11.79
N GLU B 18 -10.35 -0.39 12.10
CA GLU B 18 -11.35 -0.62 13.14
C GLU B 18 -10.61 -0.53 14.47
N GLY B 19 -10.39 0.71 14.90
CA GLY B 19 -9.61 1.02 16.08
C GLY B 19 -9.36 2.52 16.13
N ARG B 20 -8.50 2.94 17.05
CA ARG B 20 -8.18 4.36 17.18
C ARG B 20 -6.67 4.56 17.16
N PHE B 21 -6.20 5.32 16.18
CA PHE B 21 -4.77 5.58 16.03
C PHE B 21 -4.13 5.97 17.36
N ARG B 22 -4.80 6.85 18.10
CA ARG B 22 -4.23 7.44 19.30
C ARG B 22 -4.00 6.46 20.44
N GLU B 23 -4.80 5.39 20.49
CA GLU B 23 -4.61 4.34 21.49
C GLU B 23 -3.39 3.46 21.23
N HIS B 24 -2.62 3.77 20.17
CA HIS B 24 -1.48 2.94 19.78
C HIS B 24 -0.12 3.64 19.77
N ILE B 25 -0.03 4.79 20.42
CA ILE B 25 1.27 5.41 20.69
C ILE B 25 1.76 4.83 22.01
N LEU B 26 2.99 4.35 22.02
CA LEU B 26 3.53 3.66 23.21
C LEU B 26 4.40 4.65 24.00
N PRO B 27 4.45 4.47 25.34
CA PRO B 27 5.04 5.49 26.17
C PRO B 27 6.58 5.46 26.25
N ASP B 28 7.23 4.83 25.27
CA ASP B 28 8.69 4.76 25.22
C ASP B 28 9.36 6.14 25.23
N GLN B 29 10.62 6.17 25.68
CA GLN B 29 11.44 7.40 25.71
C GLN B 29 11.26 8.25 24.45
N VAL B 30 11.33 7.60 23.28
CA VAL B 30 10.88 8.19 22.03
C VAL B 30 9.61 7.42 21.66
N HIS B 31 8.47 8.08 21.83
CA HIS B 31 7.16 7.51 21.50
C HIS B 31 7.25 6.44 20.41
N LEU B 32 6.88 5.20 20.75
CA LEU B 32 6.90 4.11 19.78
C LEU B 32 5.51 3.92 19.17
N ILE B 33 5.47 3.67 17.87
CA ILE B 33 4.29 3.11 17.24
C ILE B 33 4.69 2.00 16.27
N ASN B 34 4.10 0.82 16.47
CA ASN B 34 4.35 -0.35 15.63
C ASN B 34 3.01 -1.05 15.46
N LEU B 35 2.10 -0.35 14.81
CA LEU B 35 0.73 -0.77 14.69
C LEU B 35 0.56 -1.56 13.42
N SER B 36 -0.03 -2.74 13.54
CA SER B 36 -0.54 -3.48 12.39
C SER B 36 -2.02 -3.75 12.60
N PHE B 37 -2.81 -3.58 11.55
CA PHE B 37 -4.23 -3.90 11.62
C PHE B 37 -4.71 -4.53 10.31
N LEU B 38 -5.70 -5.39 10.43
CA LEU B 38 -6.27 -6.08 9.27
C LEU B 38 -7.19 -5.16 8.48
N VAL B 39 -7.02 -5.18 7.16
CA VAL B 39 -7.95 -4.49 6.27
C VAL B 39 -8.58 -5.53 5.32
N PRO B 40 -9.63 -6.22 5.78
CA PRO B 40 -10.22 -7.22 4.89
C PRO B 40 -11.10 -6.61 3.79
N THR B 41 -11.60 -5.40 4.01
CA THR B 41 -12.49 -4.75 3.04
C THR B 41 -11.86 -3.52 2.36
N MET B 42 -10.53 -3.55 2.24
CA MET B 42 -9.75 -2.54 1.51
C MET B 42 -10.35 -2.28 0.13
N ARG B 43 -10.77 -1.04 -0.09
CA ARG B 43 -11.47 -0.65 -1.33
C ARG B 43 -10.51 -0.20 -2.42
N ARG B 44 -10.87 -0.52 -3.67
CA ARG B 44 -10.06 -0.09 -4.81
C ARG B 44 -10.87 0.89 -5.66
N GLU B 45 -10.66 2.18 -5.40
CA GLU B 45 -11.31 3.23 -6.18
C GLU B 45 -10.48 3.51 -7.44
N PHE B 46 -11.15 3.53 -8.60
CA PHE B 46 -10.46 3.77 -9.87
C PHE B 46 -10.32 5.26 -10.17
N GLY B 47 -9.08 5.71 -10.40
CA GLY B 47 -8.81 7.14 -10.53
C GLY B 47 -7.70 7.51 -11.49
N GLY B 48 -7.17 8.72 -11.29
CA GLY B 48 -6.26 9.32 -12.25
C GLY B 48 -7.10 10.01 -13.29
N CYS B 49 -6.63 11.16 -13.78
CA CYS B 49 -7.44 11.94 -14.71
C CYS B 49 -7.67 11.24 -16.06
N ALA B 50 -6.64 10.62 -16.64
CA ALA B 50 -6.84 9.83 -17.87
C ALA B 50 -8.00 8.85 -17.68
N GLY B 51 -7.92 8.04 -16.63
CA GLY B 51 -9.00 7.13 -16.26
C GLY B 51 -10.36 7.79 -16.10
N ASN B 52 -10.41 8.89 -15.34
CA ASN B 52 -11.67 9.59 -15.06
C ASN B 52 -12.33 10.13 -16.32
N ILE B 53 -11.56 10.87 -17.13
CA ILE B 53 -12.06 11.45 -18.38
C ILE B 53 -12.45 10.39 -19.40
N ALA B 54 -11.63 9.35 -19.54
CA ALA B 54 -11.92 8.24 -20.44
C ALA B 54 -13.22 7.57 -20.07
N TYR B 55 -13.42 7.40 -18.77
CA TYR B 55 -14.67 6.86 -18.24
C TYR B 55 -15.87 7.75 -18.61
N ALA B 56 -15.73 9.06 -18.40
CA ALA B 56 -16.77 10.05 -18.79
C ALA B 56 -17.05 10.12 -20.30
N LEU B 57 -16.00 10.02 -21.11
CA LEU B 57 -16.12 10.02 -22.58
C LEU B 57 -16.71 8.70 -23.07
N ASN B 58 -16.44 7.62 -22.34
CA ASN B 58 -16.98 6.32 -22.69
C ASN B 58 -18.48 6.23 -22.51
N LEU B 59 -18.97 6.75 -21.37
CA LEU B 59 -20.40 6.79 -21.07
C LEU B 59 -21.21 7.60 -22.09
N LEU B 60 -20.57 8.62 -22.68
CA LEU B 60 -21.21 9.46 -23.69
C LEU B 60 -21.33 8.81 -25.06
N GLY B 61 -20.71 7.63 -25.23
CA GLY B 61 -20.69 6.94 -26.53
C GLY B 61 -19.45 7.25 -27.35
N GLY B 62 -18.56 8.07 -26.80
CA GLY B 62 -17.33 8.46 -27.50
C GLY B 62 -16.30 7.35 -27.52
N ASP B 63 -15.25 7.55 -28.32
CA ASP B 63 -14.15 6.61 -28.44
C ASP B 63 -12.91 7.17 -27.76
N ALA B 64 -12.69 6.77 -26.50
CA ALA B 64 -11.62 7.28 -25.63
C ALA B 64 -10.37 6.40 -25.61
N ARG B 65 -9.20 7.03 -25.74
CA ARG B 65 -7.92 6.31 -25.82
C ARG B 65 -6.93 6.80 -24.76
N MET B 66 -6.80 6.06 -23.66
CA MET B 66 -5.91 6.43 -22.55
C MET B 66 -4.43 6.24 -22.90
N MET B 67 -3.66 7.32 -22.71
CA MET B 67 -2.21 7.27 -22.75
C MET B 67 -1.73 7.61 -21.34
N GLY B 68 -1.39 6.57 -20.59
CA GLY B 68 -0.90 6.71 -19.24
C GLY B 68 -0.11 5.48 -18.86
N THR B 69 0.60 5.53 -17.74
CA THR B 69 1.44 4.43 -17.32
C THR B 69 0.95 3.83 -15.99
N LEU B 70 0.89 2.51 -15.95
CA LEU B 70 0.57 1.78 -14.74
C LEU B 70 1.83 1.06 -14.29
N GLY B 71 1.80 0.47 -13.10
CA GLY B 71 2.90 -0.35 -12.61
C GLY B 71 2.58 -1.84 -12.71
N ALA B 72 3.56 -2.63 -13.15
CA ALA B 72 3.41 -4.09 -13.29
C ALA B 72 3.07 -4.79 -11.98
N VAL B 73 3.50 -4.19 -10.87
CA VAL B 73 3.18 -4.74 -9.57
C VAL B 73 1.65 -4.79 -9.40
N ASP B 74 0.96 -3.70 -9.78
CA ASP B 74 -0.50 -3.60 -9.55
C ASP B 74 -1.31 -3.04 -10.72
N ALA B 75 -1.05 -3.50 -11.94
CA ALA B 75 -1.76 -2.99 -13.12
C ALA B 75 -3.08 -3.74 -13.38
N GLN B 76 -3.10 -5.04 -13.08
CA GLN B 76 -4.17 -5.93 -13.55
C GLN B 76 -5.61 -5.43 -13.32
N PRO B 77 -5.94 -4.98 -12.07
CA PRO B 77 -7.33 -4.56 -11.81
C PRO B 77 -7.86 -3.50 -12.79
N TYR B 78 -7.05 -2.47 -13.08
CA TYR B 78 -7.45 -1.43 -14.03
C TYR B 78 -7.52 -1.98 -15.47
N LEU B 79 -6.54 -2.81 -15.85
CA LEU B 79 -6.50 -3.44 -17.17
C LEU B 79 -7.76 -4.25 -17.42
N ASP B 80 -8.17 -5.01 -16.40
CA ASP B 80 -9.43 -5.78 -16.38
C ASP B 80 -10.66 -4.87 -16.54
N ARG B 81 -10.67 -3.79 -15.77
CA ARG B 81 -11.72 -2.78 -15.84
C ARG B 81 -11.81 -2.11 -17.22
N MET B 82 -10.67 -1.83 -17.84
CA MET B 82 -10.67 -1.21 -19.17
C MET B 82 -11.30 -2.13 -20.21
N ASP B 83 -10.93 -3.41 -20.14
CA ASP B 83 -11.44 -4.43 -21.05
C ASP B 83 -12.94 -4.63 -20.91
N ALA B 84 -13.44 -4.70 -19.67
CA ALA B 84 -14.87 -4.81 -19.38
C ALA B 84 -15.67 -3.54 -19.78
N LEU B 85 -15.01 -2.40 -19.85
CA LEU B 85 -15.65 -1.18 -20.33
C LEU B 85 -15.49 -0.96 -21.84
N GLY B 86 -14.79 -1.88 -22.50
CA GLY B 86 -14.50 -1.77 -23.93
C GLY B 86 -13.53 -0.64 -24.25
N LEU B 87 -12.64 -0.34 -23.30
CA LEU B 87 -11.61 0.68 -23.46
C LEU B 87 -10.35 0.11 -24.08
N SER B 88 -9.77 0.85 -25.04
CA SER B 88 -8.50 0.49 -25.67
C SER B 88 -7.34 0.63 -24.69
N ARG B 89 -6.48 -0.38 -24.66
CA ARG B 89 -5.29 -0.36 -23.80
C ARG B 89 -4.01 -0.11 -24.59
N GLU B 90 -4.16 0.28 -25.85
CA GLU B 90 -3.01 0.44 -26.75
C GLU B 90 -1.90 1.32 -26.17
N TYR B 91 -2.29 2.46 -25.62
CA TYR B 91 -1.34 3.47 -25.17
C TYR B 91 -1.21 3.49 -23.64
N VAL B 92 -1.68 2.41 -23.02
CA VAL B 92 -1.51 2.20 -21.59
C VAL B 92 -0.28 1.31 -21.41
N ARG B 93 0.83 1.93 -21.00
CA ARG B 93 2.08 1.20 -20.84
C ARG B 93 2.24 0.73 -19.39
N VAL B 94 2.43 -0.58 -19.23
CA VAL B 94 2.74 -1.22 -17.95
C VAL B 94 4.27 -1.36 -17.78
N LEU B 95 4.82 -0.69 -16.78
CA LEU B 95 6.27 -0.66 -16.54
C LEU B 95 6.67 -1.66 -15.46
N PRO B 96 7.80 -2.37 -15.65
CA PRO B 96 8.19 -3.38 -14.67
C PRO B 96 8.81 -2.75 -13.41
N ASP B 97 8.76 -3.51 -12.31
CA ASP B 97 9.38 -3.15 -11.02
C ASP B 97 9.00 -1.77 -10.49
N THR B 98 7.76 -1.37 -10.76
CA THR B 98 7.19 -0.12 -10.28
C THR B 98 5.76 -0.37 -9.83
N TYR B 99 5.31 0.48 -8.91
CA TYR B 99 3.94 0.50 -8.47
C TYR B 99 3.20 1.55 -9.31
N SER B 100 1.92 1.30 -9.55
CA SER B 100 1.06 2.29 -10.15
C SER B 100 0.91 3.47 -9.20
N ALA B 101 0.70 4.67 -9.78
CA ALA B 101 0.32 5.84 -9.01
C ALA B 101 -0.82 5.48 -8.13
N GLN B 102 -0.69 5.82 -6.84
CA GLN B 102 -1.71 5.49 -5.86
C GLN B 102 -1.60 6.29 -4.57
N ALA B 103 -2.76 6.54 -3.99
CA ALA B 103 -2.90 7.12 -2.67
C ALA B 103 -3.34 6.01 -1.71
N MET B 104 -2.75 5.98 -0.53
CA MET B 104 -3.24 5.15 0.56
C MET B 104 -3.90 6.02 1.62
N ILE B 105 -5.17 5.73 1.87
CA ILE B 105 -5.99 6.55 2.74
C ILE B 105 -6.61 5.69 3.83
N THR B 106 -6.18 5.93 5.06
CA THR B 106 -6.62 5.13 6.19
C THR B 106 -7.35 6.01 7.17
N THR B 107 -8.59 5.64 7.49
CA THR B 107 -9.34 6.35 8.51
C THR B 107 -9.69 5.42 9.66
N ASP B 108 -9.58 5.94 10.88
CA ASP B 108 -9.97 5.14 12.03
C ASP B 108 -11.43 5.43 12.45
N LEU B 109 -11.89 4.84 13.54
CA LEU B 109 -13.30 4.97 13.95
C LEU B 109 -13.71 6.40 14.35
N ASP B 110 -12.74 7.21 14.78
CA ASP B 110 -12.97 8.61 15.13
C ASP B 110 -12.75 9.55 13.94
N ASN B 111 -12.50 8.95 12.78
CA ASN B 111 -12.40 9.69 11.50
C ASN B 111 -11.08 10.45 11.31
N ASN B 112 -10.08 10.14 12.13
CA ASN B 112 -8.70 10.56 11.92
C ASN B 112 -8.19 9.89 10.65
N GLN B 113 -7.47 10.63 9.80
CA GLN B 113 -6.97 10.10 8.53
C GLN B 113 -5.46 10.22 8.38
N ILE B 114 -4.89 9.24 7.69
CA ILE B 114 -3.50 9.26 7.24
C ILE B 114 -3.49 8.99 5.74
N THR B 115 -2.93 9.92 4.97
CA THR B 115 -2.87 9.82 3.51
C THR B 115 -1.43 9.80 3.01
N ALA B 116 -1.02 8.70 2.39
CA ALA B 116 0.30 8.65 1.74
C ALA B 116 0.10 8.51 0.26
N PHE B 117 0.68 9.42 -0.51
CA PHE B 117 0.65 9.33 -1.97
C PHE B 117 2.00 8.92 -2.50
N HIS B 118 1.98 7.89 -3.35
CA HIS B 118 3.15 7.43 -4.06
C HIS B 118 2.91 7.69 -5.55
N PRO B 119 3.70 8.60 -6.14
CA PRO B 119 3.62 8.97 -7.55
C PRO B 119 3.77 7.75 -8.50
N GLY B 120 4.80 6.94 -8.26
CA GLY B 120 4.98 5.67 -8.97
C GLY B 120 5.07 5.81 -10.47
N ALA B 121 4.39 4.91 -11.19
CA ALA B 121 4.44 4.81 -12.66
C ALA B 121 4.15 6.12 -13.41
N MET B 122 3.47 7.05 -12.74
CA MET B 122 3.11 8.33 -13.31
C MET B 122 4.34 9.20 -13.60
N MET B 123 5.40 9.01 -12.80
CA MET B 123 6.66 9.74 -13.02
C MET B 123 7.45 9.27 -14.25
N GLN B 124 7.03 8.16 -14.86
CA GLN B 124 7.64 7.74 -16.13
C GLN B 124 6.59 7.65 -17.25
N SER B 125 5.70 8.64 -17.32
CA SER B 125 4.65 8.63 -18.34
C SER B 125 5.17 9.07 -19.72
N HIS B 126 6.32 9.74 -19.73
CA HIS B 126 6.98 10.26 -20.93
C HIS B 126 7.54 9.17 -21.87
N VAL B 127 7.48 7.91 -21.46
CA VAL B 127 7.86 6.80 -22.33
C VAL B 127 6.80 6.60 -23.40
N ASN B 128 5.59 7.12 -23.16
CA ASN B 128 4.53 7.13 -24.16
C ASN B 128 4.52 8.43 -24.97
N HIS B 129 4.88 8.31 -26.23
CA HIS B 129 5.01 9.45 -27.12
C HIS B 129 3.71 9.71 -27.88
N ALA B 130 3.09 10.86 -27.60
CA ALA B 130 1.80 11.23 -28.18
C ALA B 130 1.75 11.19 -29.72
N GLY B 131 2.82 11.69 -30.35
CA GLY B 131 2.88 11.81 -31.81
C GLY B 131 2.90 10.47 -32.53
N GLU B 132 3.64 9.52 -31.98
CA GLU B 132 3.82 8.21 -32.60
C GLU B 132 2.59 7.32 -32.36
N ALA B 133 1.42 7.84 -32.73
CA ALA B 133 0.15 7.11 -32.58
C ALA B 133 -0.55 6.97 -33.94
N LYS B 134 -1.87 6.77 -33.92
CA LYS B 134 -2.67 6.70 -35.15
C LYS B 134 -4.13 7.12 -34.95
N ASP B 135 -4.67 7.79 -35.97
CA ASP B 135 -6.07 8.20 -36.05
C ASP B 135 -6.56 9.01 -34.84
N ILE B 136 -5.80 10.04 -34.48
CA ILE B 136 -6.19 10.92 -33.39
C ILE B 136 -6.61 12.28 -33.95
N LYS B 137 -7.83 12.69 -33.62
CA LYS B 137 -8.40 13.96 -34.08
C LYS B 137 -8.40 15.03 -33.00
N LEU B 138 -8.19 14.61 -31.74
CA LEU B 138 -8.31 15.48 -30.57
C LEU B 138 -7.64 14.83 -29.37
N ALA B 139 -7.03 15.64 -28.52
CA ALA B 139 -6.36 15.13 -27.33
C ALA B 139 -6.75 15.94 -26.08
N ILE B 140 -6.24 15.50 -24.93
CA ILE B 140 -6.17 16.31 -23.72
C ILE B 140 -4.91 15.95 -22.93
N VAL B 141 -4.24 16.97 -22.42
CA VAL B 141 -3.12 16.81 -21.50
C VAL B 141 -3.53 17.37 -20.13
N GLY B 142 -3.76 16.46 -19.19
CA GLY B 142 -4.06 16.80 -17.82
C GLY B 142 -2.88 16.53 -16.91
N PRO B 143 -3.09 16.58 -15.58
CA PRO B 143 -2.05 16.29 -14.61
C PRO B 143 -1.49 14.88 -14.81
N ASP B 144 -0.16 14.79 -14.78
CA ASP B 144 0.59 13.59 -15.06
C ASP B 144 1.95 13.88 -14.46
N GLY B 145 2.88 12.93 -14.55
CA GLY B 145 4.28 13.23 -14.26
C GLY B 145 4.64 14.45 -15.10
N PHE B 146 5.43 15.35 -14.50
CA PHE B 146 5.77 16.63 -15.13
C PHE B 146 6.31 16.45 -16.57
N GLN B 147 7.32 15.59 -16.72
CA GLN B 147 7.96 15.40 -18.04
C GLN B 147 6.96 14.96 -19.11
N GLY B 148 6.11 14.00 -18.76
CA GLY B 148 5.03 13.53 -19.60
C GLY B 148 4.12 14.64 -20.12
N MET B 149 3.65 15.50 -19.21
CA MET B 149 2.80 16.66 -19.54
C MET B 149 3.42 17.57 -20.58
N VAL B 150 4.70 17.92 -20.34
CA VAL B 150 5.49 18.77 -21.21
C VAL B 150 5.71 18.11 -22.57
N GLN B 151 6.16 16.85 -22.54
CA GLN B 151 6.44 16.13 -23.77
C GLN B 151 5.18 15.96 -24.62
N HIS B 152 4.07 15.62 -23.99
CA HIS B 152 2.80 15.44 -24.70
C HIS B 152 2.37 16.70 -25.47
N THR B 153 2.48 17.88 -24.84
CA THR B 153 2.11 19.15 -25.49
C THR B 153 2.94 19.34 -26.75
N GLU B 154 4.24 19.09 -26.64
CA GLU B 154 5.18 19.25 -27.74
C GLU B 154 4.88 18.28 -28.90
N GLU B 155 4.69 17.01 -28.57
CA GLU B 155 4.45 15.97 -29.57
C GLU B 155 3.07 16.06 -30.21
N LEU B 156 2.06 16.47 -29.44
CA LEU B 156 0.73 16.66 -30.01
C LEU B 156 0.69 17.79 -31.06
N ALA B 157 1.41 18.88 -30.78
CA ALA B 157 1.61 19.97 -31.74
C ALA B 157 2.42 19.53 -32.95
N GLN B 158 3.55 18.85 -32.74
CA GLN B 158 4.37 18.34 -33.85
C GLN B 158 3.51 17.54 -34.80
N ALA B 159 2.66 16.67 -34.25
CA ALA B 159 1.77 15.81 -35.03
C ALA B 159 0.61 16.58 -35.63
N GLY B 160 0.34 17.77 -35.09
CA GLY B 160 -0.73 18.64 -35.57
C GLY B 160 -2.10 18.30 -34.98
N VAL B 161 -2.09 17.72 -33.79
CA VAL B 161 -3.32 17.32 -33.11
C VAL B 161 -3.80 18.50 -32.26
N PRO B 162 -5.08 18.87 -32.41
CA PRO B 162 -5.68 19.87 -31.52
C PRO B 162 -5.81 19.29 -30.11
N PHE B 163 -5.38 20.04 -29.10
CA PHE B 163 -5.40 19.52 -27.71
C PHE B 163 -5.71 20.53 -26.59
N ILE B 164 -6.47 20.05 -25.61
CA ILE B 164 -6.79 20.83 -24.43
C ILE B 164 -5.66 20.69 -23.42
N PHE B 165 -5.02 21.81 -23.08
CA PHE B 165 -4.01 21.88 -22.04
C PHE B 165 -4.71 22.12 -20.73
N ASP B 166 -4.46 21.22 -19.78
CA ASP B 166 -5.17 21.22 -18.52
C ASP B 166 -4.15 20.90 -17.43
N PRO B 167 -3.32 21.89 -17.06
CA PRO B 167 -2.21 21.74 -16.10
C PRO B 167 -2.67 21.27 -14.72
N GLY B 168 -3.89 21.61 -14.34
CA GLY B 168 -4.50 21.12 -13.10
C GLY B 168 -3.62 21.29 -11.88
N GLN B 169 -3.53 20.24 -11.07
CA GLN B 169 -2.73 20.24 -9.85
C GLN B 169 -1.23 20.21 -10.14
N GLY B 170 -0.86 19.97 -11.39
CA GLY B 170 0.54 20.02 -11.81
C GLY B 170 1.05 21.42 -12.05
N LEU B 171 0.13 22.40 -11.99
CA LEU B 171 0.46 23.79 -12.28
C LEU B 171 1.61 24.39 -11.44
N PRO B 172 1.70 24.05 -10.13
CA PRO B 172 2.80 24.60 -9.32
C PRO B 172 4.21 24.23 -9.81
N LEU B 173 4.34 23.14 -10.56
CA LEU B 173 5.64 22.74 -11.09
C LEU B 173 6.11 23.61 -12.26
N PHE B 174 5.20 24.40 -12.81
CA PHE B 174 5.49 25.24 -13.98
C PHE B 174 6.15 26.56 -13.62
N ASP B 175 7.13 26.97 -14.42
CA ASP B 175 7.73 28.30 -14.30
C ASP B 175 7.12 29.23 -15.33
N GLY B 176 7.53 30.49 -15.31
CA GLY B 176 7.12 31.46 -16.33
C GLY B 176 7.21 30.90 -17.75
N ALA B 177 8.40 30.42 -18.11
CA ALA B 177 8.70 30.07 -19.51
C ALA B 177 7.94 28.85 -20.04
N THR B 178 7.90 27.77 -19.26
CA THR B 178 7.27 26.53 -19.74
C THR B 178 5.76 26.66 -19.78
N LEU B 179 5.21 27.49 -18.90
CA LEU B 179 3.79 27.76 -18.92
C LEU B 179 3.42 28.60 -20.15
N ARG B 180 4.22 29.62 -20.42
CA ARG B 180 4.05 30.43 -21.63
C ARG B 180 4.13 29.56 -22.89
N ARG B 181 5.14 28.69 -22.93
CA ARG B 181 5.35 27.75 -24.03
C ARG B 181 4.16 26.79 -24.27
N SER B 182 3.66 26.17 -23.20
CA SER B 182 2.54 25.22 -23.28
C SER B 182 1.26 25.85 -23.81
N ILE B 183 1.04 27.13 -23.48
CA ILE B 183 -0.17 27.85 -23.86
C ILE B 183 -0.22 28.13 -25.37
N GLU B 184 0.92 28.48 -25.93
CA GLU B 184 1.05 28.76 -27.37
C GLU B 184 0.78 27.50 -28.19
N LEU B 185 1.38 26.38 -27.77
CA LEU B 185 1.25 25.09 -28.45
C LEU B 185 -0.16 24.52 -28.35
N ALA B 186 -0.85 24.90 -27.27
CA ALA B 186 -2.20 24.43 -27.01
C ALA B 186 -3.22 25.04 -27.97
N THR B 187 -4.29 24.29 -28.20
CA THR B 187 -5.41 24.75 -29.01
C THR B 187 -6.54 25.18 -28.09
N TYR B 188 -6.68 24.50 -26.96
CA TYR B 188 -7.62 24.91 -25.91
C TYR B 188 -6.89 24.87 -24.57
N ILE B 189 -7.47 25.54 -23.59
CA ILE B 189 -7.00 25.41 -22.21
C ILE B 189 -8.19 25.35 -21.27
N ALA B 190 -8.11 24.46 -20.28
CA ALA B 190 -9.13 24.38 -19.24
C ALA B 190 -8.47 24.54 -17.85
N VAL B 191 -9.11 25.34 -17.02
CA VAL B 191 -8.66 25.64 -15.66
C VAL B 191 -9.89 26.05 -14.87
N ASN B 192 -9.77 26.07 -13.53
CA ASN B 192 -10.81 26.69 -12.72
C ASN B 192 -10.51 28.17 -12.55
N ASP B 193 -11.45 28.92 -12.00
CA ASP B 193 -11.28 30.38 -11.88
C ASP B 193 -9.97 30.78 -11.23
N TYR B 194 -9.62 30.11 -10.13
CA TYR B 194 -8.40 30.41 -9.40
C TYR B 194 -7.11 30.06 -10.16
N GLU B 195 -7.05 28.88 -10.78
CA GLU B 195 -5.90 28.50 -11.63
C GLU B 195 -5.70 29.45 -12.80
N ALA B 196 -6.79 29.93 -13.39
CA ALA B 196 -6.74 30.95 -14.45
C ALA B 196 -6.01 32.17 -13.93
N LYS B 197 -6.35 32.56 -12.70
CA LYS B 197 -5.67 33.63 -12.01
C LYS B 197 -4.18 33.31 -11.74
N LEU B 198 -3.87 32.09 -11.32
CA LEU B 198 -2.47 31.67 -11.12
C LEU B 198 -1.67 31.77 -12.42
N VAL B 199 -2.30 31.33 -13.52
CA VAL B 199 -1.70 31.31 -14.85
C VAL B 199 -1.37 32.74 -15.30
N CYS B 200 -2.32 33.66 -15.12
CA CYS B 200 -2.05 35.08 -15.37
C CYS B 200 -0.87 35.57 -14.54
N ASP B 201 -0.87 35.24 -13.25
CA ASP B 201 0.17 35.72 -12.36
C ASP B 201 1.52 35.11 -12.68
N LYS B 202 1.52 33.84 -13.08
CA LYS B 202 2.76 33.15 -13.36
C LYS B 202 3.34 33.53 -14.71
N THR B 203 2.50 33.63 -15.74
CA THR B 203 2.99 34.01 -17.05
C THR B 203 3.30 35.50 -17.13
N GLY B 204 2.55 36.31 -16.38
CA GLY B 204 2.62 37.76 -16.52
C GLY B 204 1.79 38.25 -17.69
N TRP B 205 0.98 37.35 -18.26
CA TRP B 205 0.07 37.71 -19.33
C TRP B 205 -1.31 37.95 -18.74
N SER B 206 -2.05 38.87 -19.33
CA SER B 206 -3.45 39.09 -18.94
C SER B 206 -4.28 37.96 -19.52
N GLU B 207 -5.51 37.80 -19.05
CA GLU B 207 -6.41 36.80 -19.60
C GLU B 207 -6.65 37.01 -21.10
N ASP B 208 -6.83 38.27 -21.51
CA ASP B 208 -6.92 38.63 -22.93
C ASP B 208 -5.78 38.00 -23.73
N GLU B 209 -4.56 38.15 -23.21
CA GLU B 209 -3.37 37.69 -23.91
C GLU B 209 -3.30 36.18 -24.07
N ILE B 210 -3.76 35.46 -23.03
CA ILE B 210 -3.85 34.01 -23.05
C ILE B 210 -4.90 33.56 -24.07
N ALA B 211 -6.06 34.21 -24.06
CA ALA B 211 -7.14 33.88 -24.99
C ALA B 211 -6.68 33.95 -26.45
N SER B 212 -6.01 35.04 -26.82
CA SER B 212 -5.53 35.22 -28.19
C SER B 212 -4.59 34.12 -28.69
N ARG B 213 -4.11 33.28 -27.76
CA ARG B 213 -3.16 32.21 -28.09
C ARG B 213 -3.78 30.81 -28.15
N VAL B 214 -5.10 30.73 -27.95
CA VAL B 214 -5.85 29.47 -28.06
C VAL B 214 -7.19 29.69 -28.75
N GLN B 215 -7.74 28.62 -29.34
CA GLN B 215 -9.10 28.65 -29.90
C GLN B 215 -10.20 28.82 -28.83
N ALA B 216 -9.93 28.34 -27.62
CA ALA B 216 -10.84 28.59 -26.49
C ALA B 216 -10.12 28.54 -25.14
N LEU B 217 -10.61 29.34 -24.19
CA LEU B 217 -10.13 29.34 -22.81
C LEU B 217 -11.30 29.00 -21.88
N ILE B 218 -11.25 27.79 -21.32
CA ILE B 218 -12.34 27.26 -20.51
C ILE B 218 -12.08 27.45 -19.03
N ILE B 219 -12.88 28.32 -18.42
CA ILE B 219 -12.78 28.57 -17.00
C ILE B 219 -14.01 28.04 -16.26
N THR B 220 -13.80 26.98 -15.50
CA THR B 220 -14.85 26.37 -14.70
C THR B 220 -14.99 27.11 -13.38
N ARG B 221 -16.21 27.48 -13.04
CA ARG B 221 -16.49 28.11 -11.76
C ARG B 221 -17.16 27.08 -10.82
N GLY B 222 -17.32 25.85 -11.34
CA GLY B 222 -17.91 24.75 -10.58
C GLY B 222 -19.39 24.97 -10.29
N GLU B 223 -19.69 25.24 -9.02
CA GLU B 223 -21.08 25.38 -8.57
C GLU B 223 -21.80 26.66 -9.03
N HIS B 224 -21.05 27.59 -9.61
CA HIS B 224 -21.63 28.79 -10.22
C HIS B 224 -21.53 28.73 -11.74
N GLY B 225 -21.18 27.55 -12.26
CA GLY B 225 -21.18 27.31 -13.70
C GLY B 225 -19.79 27.25 -14.32
N ALA B 226 -19.70 27.74 -15.56
CA ALA B 226 -18.45 27.74 -16.31
C ALA B 226 -18.47 28.84 -17.39
N THR B 227 -17.29 29.12 -17.97
CA THR B 227 -17.17 30.11 -19.02
C THR B 227 -16.26 29.59 -20.14
N ILE B 228 -16.64 29.88 -21.39
CA ILE B 228 -15.81 29.49 -22.56
C ILE B 228 -15.56 30.67 -23.51
N ARG B 229 -14.33 31.15 -23.48
CA ARG B 229 -13.93 32.31 -24.23
C ARG B 229 -13.30 31.90 -25.57
N HIS B 230 -13.97 32.28 -26.67
CA HIS B 230 -13.51 31.94 -28.02
C HIS B 230 -13.43 33.18 -28.93
N ARG B 231 -13.20 32.95 -30.22
CA ARG B 231 -13.04 34.03 -31.20
C ARG B 231 -14.20 35.01 -31.19
N ASP B 232 -15.42 34.48 -31.20
CA ASP B 232 -16.63 35.28 -31.36
C ASP B 232 -17.05 35.97 -30.05
N GLY B 233 -16.52 35.49 -28.93
CA GLY B 233 -16.89 36.03 -27.63
C GLY B 233 -16.96 34.96 -26.56
N THR B 234 -17.84 35.17 -25.58
CA THR B 234 -17.86 34.34 -24.38
C THR B 234 -19.25 33.76 -24.08
N GLU B 235 -19.30 32.42 -24.03
CA GLU B 235 -20.48 31.68 -23.59
C GLU B 235 -20.59 31.72 -22.09
N GLN B 236 -21.81 31.85 -21.58
CA GLN B 236 -22.03 31.77 -20.13
C GLN B 236 -22.73 30.47 -19.77
N ILE B 237 -21.94 29.49 -19.35
CA ILE B 237 -22.44 28.16 -19.05
C ILE B 237 -22.96 28.10 -17.61
N PRO B 238 -24.27 27.88 -17.44
CA PRO B 238 -24.86 27.78 -16.11
C PRO B 238 -24.54 26.46 -15.40
N ALA B 239 -24.56 26.51 -14.07
CA ALA B 239 -24.39 25.32 -13.25
C ALA B 239 -25.61 24.44 -13.42
N VAL B 240 -25.38 23.13 -13.47
CA VAL B 240 -26.46 22.15 -13.57
C VAL B 240 -26.88 21.70 -12.17
N ARG B 241 -28.19 21.72 -11.93
CA ARG B 241 -28.76 21.35 -10.64
C ARG B 241 -28.53 19.86 -10.36
N ALA B 242 -27.83 19.57 -9.27
CA ALA B 242 -27.52 18.19 -8.88
C ALA B 242 -28.72 17.50 -8.23
N GLU B 243 -28.79 16.18 -8.38
CA GLU B 243 -29.73 15.37 -7.61
C GLU B 243 -29.38 15.46 -6.14
N ARG B 244 -28.10 15.23 -5.85
CA ARG B 244 -27.56 15.36 -4.49
C ARG B 244 -26.04 15.53 -4.52
N VAL B 245 -25.49 16.08 -3.42
CA VAL B 245 -24.05 16.25 -3.27
C VAL B 245 -23.49 15.13 -2.39
N ILE B 246 -22.81 14.17 -3.02
CA ILE B 246 -22.24 13.03 -2.29
C ILE B 246 -20.71 13.08 -2.25
N ASP B 247 -20.09 13.30 -3.41
CA ASP B 247 -18.63 13.37 -3.54
C ASP B 247 -18.22 14.26 -4.72
N PRO B 248 -17.60 15.42 -4.44
CA PRO B 248 -17.09 16.30 -5.51
C PRO B 248 -15.87 15.74 -6.28
N THR B 249 -15.27 14.66 -5.78
CA THR B 249 -14.05 14.09 -6.36
C THR B 249 -14.31 13.47 -7.73
N GLY B 250 -13.76 14.11 -8.77
CA GLY B 250 -13.89 13.62 -10.15
C GLY B 250 -14.75 14.47 -11.07
N CYS B 251 -15.56 15.36 -10.49
CA CYS B 251 -16.45 16.26 -11.25
C CYS B 251 -15.73 16.99 -12.37
N GLY B 252 -14.52 17.45 -12.07
CA GLY B 252 -13.69 18.19 -13.02
C GLY B 252 -13.40 17.32 -14.21
N ASP B 253 -13.16 16.04 -13.96
CA ASP B 253 -12.81 15.12 -15.02
C ASP B 253 -14.05 14.67 -15.78
N ALA B 254 -15.19 14.63 -15.09
CA ALA B 254 -16.47 14.36 -15.76
C ALA B 254 -16.79 15.51 -16.70
N PHE B 255 -16.62 16.73 -16.20
CA PHE B 255 -16.76 17.98 -16.97
C PHE B 255 -15.93 17.94 -18.24
N ARG B 256 -14.67 17.52 -18.13
CA ARG B 256 -13.78 17.38 -19.28
C ARG B 256 -14.26 16.31 -20.25
N GLY B 257 -14.73 15.19 -19.72
CA GLY B 257 -15.31 14.12 -20.52
C GLY B 257 -16.47 14.61 -21.38
N GLY B 258 -17.36 15.37 -20.75
CA GLY B 258 -18.43 16.06 -21.45
C GLY B 258 -17.90 17.05 -22.46
N LEU B 259 -16.89 17.84 -22.06
CA LEU B 259 -16.30 18.85 -22.96
C LEU B 259 -15.69 18.24 -24.23
N LEU B 260 -14.89 17.19 -24.07
CA LEU B 260 -14.21 16.53 -25.17
C LEU B 260 -15.13 15.86 -26.17
N TYR B 261 -16.31 15.44 -25.69
CA TYR B 261 -17.36 14.92 -26.58
C TYR B 261 -17.91 16.02 -27.50
N GLY B 262 -18.07 17.22 -26.95
CA GLY B 262 -18.55 18.38 -27.69
C GLY B 262 -17.65 18.74 -28.86
N ILE B 263 -16.35 18.90 -28.57
CA ILE B 263 -15.35 19.24 -29.61
C ILE B 263 -15.25 18.16 -30.69
N GLU B 264 -15.02 16.92 -30.27
CA GLU B 264 -14.85 15.77 -31.17
C GLU B 264 -16.08 15.61 -32.08
N HIS B 265 -17.27 15.88 -31.52
CA HIS B 265 -18.51 15.83 -32.28
C HIS B 265 -18.88 17.23 -32.82
N GLY B 266 -20.14 17.42 -33.24
CA GLY B 266 -20.54 18.66 -33.91
C GLY B 266 -20.94 19.85 -33.05
N PHE B 267 -21.00 19.64 -31.74
CA PHE B 267 -21.59 20.62 -30.80
C PHE B 267 -20.84 21.95 -30.70
N ASP B 268 -21.61 23.03 -30.74
CA ASP B 268 -21.07 24.37 -30.49
C ASP B 268 -20.68 24.51 -29.01
N TRP B 269 -19.99 25.61 -28.69
CA TRP B 269 -19.47 25.83 -27.34
C TRP B 269 -20.57 25.97 -26.28
N ALA B 270 -21.74 26.46 -26.69
CA ALA B 270 -22.90 26.59 -25.80
C ALA B 270 -23.45 25.22 -25.35
N THR B 271 -23.52 24.27 -26.28
CA THR B 271 -23.95 22.91 -25.98
C THR B 271 -22.84 22.10 -25.29
N ALA B 272 -21.63 22.16 -25.85
CA ALA B 272 -20.46 21.45 -25.29
C ALA B 272 -20.17 21.85 -23.85
N GLY B 273 -20.27 23.16 -23.58
CA GLY B 273 -20.12 23.71 -22.23
C GLY B 273 -21.17 23.21 -21.25
N ARG B 274 -22.41 23.12 -21.72
CA ARG B 274 -23.51 22.54 -20.95
C ARG B 274 -23.31 21.02 -20.76
N LEU B 275 -22.85 20.34 -21.81
CA LEU B 275 -22.55 18.91 -21.73
C LEU B 275 -21.53 18.64 -20.65
N ALA B 276 -20.48 19.46 -20.65
CA ALA B 276 -19.48 19.44 -19.61
C ALA B 276 -20.13 19.63 -18.25
N SER B 277 -20.83 20.76 -18.08
CA SER B 277 -21.49 21.11 -16.81
C SER B 277 -22.33 19.96 -16.28
N LEU B 278 -23.17 19.38 -17.14
CA LEU B 278 -24.06 18.29 -16.78
C LEU B 278 -23.29 17.05 -16.28
N MET B 279 -22.21 16.70 -16.97
CA MET B 279 -21.37 15.58 -16.53
C MET B 279 -20.86 15.77 -15.10
N GLY B 280 -20.47 17.00 -14.77
CA GLY B 280 -20.06 17.38 -13.41
C GLY B 280 -21.13 17.20 -12.34
N ALA B 281 -22.38 17.49 -12.71
CA ALA B 281 -23.53 17.30 -11.83
C ALA B 281 -23.99 15.84 -11.70
N LEU B 282 -23.77 15.06 -12.76
CA LEU B 282 -24.11 13.62 -12.75
C LEU B 282 -23.19 12.79 -11.84
N LYS B 283 -21.90 13.13 -11.80
CA LYS B 283 -20.95 12.40 -10.96
C LYS B 283 -21.05 12.76 -9.47
N ILE B 284 -21.32 14.02 -9.17
CA ILE B 284 -21.39 14.51 -7.78
C ILE B 284 -22.42 13.77 -6.90
N ALA B 285 -23.49 13.26 -7.53
CA ALA B 285 -24.53 12.53 -6.81
C ALA B 285 -24.09 11.10 -6.44
N HIS B 286 -22.80 10.82 -6.62
CA HIS B 286 -22.22 9.50 -6.35
C HIS B 286 -20.86 9.55 -5.66
N GLN B 287 -20.57 8.52 -4.87
CA GLN B 287 -19.28 8.38 -4.21
C GLN B 287 -18.23 7.95 -5.24
N GLY B 288 -17.06 8.57 -5.17
CA GLY B 288 -15.93 8.20 -6.03
C GLY B 288 -15.96 8.84 -7.41
N PRO B 289 -14.85 8.72 -8.15
CA PRO B 289 -14.78 9.36 -9.47
C PRO B 289 -15.52 8.61 -10.59
N GLN B 290 -15.63 7.29 -10.47
CA GLN B 290 -16.07 6.43 -11.58
C GLN B 290 -17.23 5.49 -11.22
N THR B 291 -18.06 5.88 -10.25
CA THR B 291 -19.19 5.05 -9.77
C THR B 291 -20.52 5.39 -10.44
N TYR B 292 -20.75 6.68 -10.69
CA TYR B 292 -21.90 7.09 -11.48
C TYR B 292 -21.83 6.40 -12.83
N ALA B 293 -22.97 5.84 -13.27
CA ALA B 293 -23.03 5.15 -14.55
C ALA B 293 -24.33 5.47 -15.29
N PRO B 294 -24.48 6.71 -15.77
CA PRO B 294 -25.68 6.99 -16.52
C PRO B 294 -25.56 6.40 -17.91
N THR B 295 -26.67 5.86 -18.43
CA THR B 295 -26.76 5.42 -19.82
C THR B 295 -26.92 6.67 -20.67
N ARG B 296 -26.61 6.58 -21.96
CA ARG B 296 -26.58 7.78 -22.79
C ARG B 296 -27.95 8.48 -22.86
N ALA B 297 -29.02 7.68 -23.00
CA ALA B 297 -30.39 8.21 -23.01
C ALA B 297 -30.74 8.99 -21.73
N GLU B 298 -30.17 8.56 -20.60
CA GLU B 298 -30.35 9.29 -19.33
C GLU B 298 -29.62 10.64 -19.31
N ILE B 299 -28.62 10.79 -20.16
CA ILE B 299 -27.83 12.02 -20.22
C ILE B 299 -28.51 13.11 -21.06
N ASP B 300 -29.10 12.74 -22.19
CA ASP B 300 -29.79 13.72 -23.03
C ASP B 300 -31.18 14.10 -22.52
N ALA B 301 -31.80 13.23 -21.72
CA ALA B 301 -33.05 13.55 -21.04
C ALA B 301 -32.78 14.56 -19.91
N ARG B 302 -31.71 14.31 -19.16
CA ARG B 302 -31.25 15.24 -18.10
C ARG B 302 -30.59 16.50 -18.69
N PHE B 303 -30.31 16.49 -20.00
CA PHE B 303 -29.80 17.69 -20.70
C PHE B 303 -30.93 18.66 -21.00
N GLU B 304 -32.09 18.13 -21.38
CA GLU B 304 -33.25 18.97 -21.67
C GLU B 304 -34.14 19.13 -20.45
#